data_6XC1
#
_entry.id   6XC1
#
_cell.length_a   41.084
_cell.length_b   46.172
_cell.length_c   129.498
_cell.angle_alpha   90.000
_cell.angle_beta   90.000
_cell.angle_gamma   90.000
#
_symmetry.space_group_name_H-M   'P 21 21 21'
#
loop_
_entity.id
_entity.type
_entity.pdbx_description
1 polymer Lysozyme
2 polymer 'Protein spackle'
3 non-polymer 1,2-ETHANEDIOL
4 non-polymer 'ISOPROPYL ALCOHOL'
5 water water
#
loop_
_entity_poly.entity_id
_entity_poly.type
_entity_poly.pdbx_seq_one_letter_code
_entity_poly.pdbx_strand_id
1 'polypeptide(L)'
;MSMAEMLRRDEGLRLKVYWDTEGYPTIGIGHLIMKQPVRDMAQINKVLSKQVGREITGNPGSITMEEATTLFERDLADMQ
RDIKSHSKVGPVWQAVNRSRQMALENMAFQMGVGGVAKFNTMLTAMLAGDWEKAYKAGRDSLWYQQTKGRASRVTMIILT
GNLESYGVELEHHHHHH
;
A
2 'polypeptide(L)'
;MKKFIFATIFALASCAAQPAMAGYDKDLCEWSMTADQTEVETQIEADIMNIVKRDRPEMKAEVQKQLKSGGVMQYNYVLY
CDKNFNNKNIIAEVVGELEHHHHHH
;
C
#
loop_
_chem_comp.id
_chem_comp.type
_chem_comp.name
_chem_comp.formula
EDO non-polymer 1,2-ETHANEDIOL 'C2 H6 O2'
IPA non-polymer 'ISOPROPYL ALCOHOL' 'C3 H8 O'
#
# COMPACT_ATOMS: atom_id res chain seq x y z
N SER A 2 2.01 -14.60 -0.58
CA SER A 2 1.88 -14.26 0.84
C SER A 2 1.46 -12.81 1.01
N MET A 3 0.90 -12.48 2.17
CA MET A 3 0.50 -11.10 2.43
C MET A 3 1.70 -10.17 2.55
N ALA A 4 2.84 -10.68 3.02
CA ALA A 4 4.01 -9.84 3.17
C ALA A 4 4.50 -9.33 1.81
N GLU A 5 4.59 -10.23 0.83
CA GLU A 5 5.04 -9.83 -0.50
C GLU A 5 3.99 -8.94 -1.18
N MET A 6 2.71 -9.22 -0.95
CA MET A 6 1.64 -8.40 -1.50
C MET A 6 1.68 -6.98 -0.92
N LEU A 7 1.79 -6.88 0.39
CA LEU A 7 1.72 -5.56 1.03
C LEU A 7 3.03 -4.80 0.93
N ARG A 8 4.15 -5.50 0.83
CA ARG A 8 5.41 -4.82 0.52
C ARG A 8 5.33 -4.14 -0.84
N ARG A 9 4.76 -4.83 -1.83
CA ARG A 9 4.58 -4.23 -3.14
C ARG A 9 3.66 -3.01 -3.07
N ASP A 10 2.52 -3.14 -2.40
CA ASP A 10 1.51 -2.09 -2.42
C ASP A 10 1.85 -0.92 -1.49
N GLU A 11 2.58 -1.17 -0.41
CA GLU A 11 2.85 -0.16 0.62
C GLU A 11 4.27 0.39 0.57
N GLY A 12 5.18 -0.23 -0.15
CA GLY A 12 6.56 0.19 -0.15
C GLY A 12 7.27 -0.28 1.10
N LEU A 13 8.51 0.18 1.25
CA LEU A 13 9.36 -0.27 2.37
C LEU A 13 10.28 0.88 2.76
N ARG A 14 10.09 1.40 3.98
CA ARG A 14 10.85 2.53 4.48
C ARG A 14 11.50 2.17 5.82
N LEU A 15 12.77 2.51 5.96
CA LEU A 15 13.47 2.38 7.23
C LEU A 15 13.56 3.71 7.97
N LYS A 16 13.07 4.79 7.36
CA LYS A 16 12.99 6.10 7.98
C LYS A 16 11.59 6.65 7.80
N VAL A 17 11.13 7.43 8.78
CA VAL A 17 9.78 7.96 8.79
C VAL A 17 9.47 8.72 7.50
N TYR A 18 8.23 8.62 7.04
CA TYR A 18 7.69 9.52 6.03
C TYR A 18 6.24 9.78 6.40
N TRP A 19 5.67 10.83 5.81
CA TRP A 19 4.30 11.22 6.12
C TRP A 19 3.41 10.88 4.94
N ASP A 20 2.30 10.19 5.21
CA ASP A 20 1.41 9.77 4.14
C ASP A 20 0.59 10.95 3.64
N THR A 21 -0.32 10.67 2.70
CA THR A 21 -1.08 11.73 2.04
C THR A 21 -1.97 12.48 3.01
N GLU A 22 -2.32 11.89 4.14
CA GLU A 22 -3.12 12.56 5.15
C GLU A 22 -2.26 13.18 6.24
N GLY A 23 -0.93 13.16 6.08
CA GLY A 23 -0.03 13.73 7.04
C GLY A 23 0.40 12.83 8.17
N TYR A 24 0.15 11.52 8.06
CA TYR A 24 0.46 10.72 9.24
C TYR A 24 1.85 10.12 9.15
N PRO A 25 2.61 10.13 10.24
CA PRO A 25 3.96 9.56 10.21
C PRO A 25 3.92 8.04 10.05
N THR A 26 4.64 7.55 9.05
CA THR A 26 4.61 6.16 8.64
C THR A 26 6.04 5.65 8.50
N ILE A 27 6.21 4.33 8.65
CA ILE A 27 7.51 3.69 8.52
C ILE A 27 7.30 2.22 8.18
N GLY A 28 8.36 1.54 7.73
CA GLY A 28 8.24 0.10 7.50
C GLY A 28 7.38 -0.19 6.28
N ILE A 29 6.54 -1.22 6.40
CA ILE A 29 5.56 -1.55 5.38
C ILE A 29 4.23 -1.00 5.82
N GLY A 30 4.00 0.30 5.57
CA GLY A 30 2.73 0.91 5.90
C GLY A 30 2.39 0.90 7.37
N HIS A 31 3.38 0.98 8.25
CA HIS A 31 3.11 1.01 9.69
C HIS A 31 2.84 2.45 10.12
N LEU A 32 1.61 2.70 10.56
CA LEU A 32 1.25 4.00 11.13
C LEU A 32 1.86 4.13 12.52
N ILE A 33 2.79 5.07 12.69
CA ILE A 33 3.40 5.29 13.99
C ILE A 33 2.40 5.95 14.94
N MET A 34 1.75 7.02 14.47
CA MET A 34 0.74 7.73 15.23
C MET A 34 -0.41 8.03 14.30
N LYS A 35 -1.63 7.98 14.84
CA LYS A 35 -2.84 8.31 14.08
C LYS A 35 -3.22 9.78 14.19
N GLN A 36 -2.24 10.65 14.42
CA GLN A 36 -2.33 12.10 14.29
C GLN A 36 -1.52 12.56 13.10
N PRO A 37 -1.80 13.74 12.57
CA PRO A 37 -0.82 14.39 11.68
C PRO A 37 0.23 15.16 12.50
N VAL A 38 1.11 14.40 13.15
N VAL A 38 1.09 14.40 13.17
CA VAL A 38 2.12 14.96 14.04
CA VAL A 38 2.12 14.97 14.04
C VAL A 38 3.44 15.04 13.28
C VAL A 38 3.42 15.05 13.27
N ARG A 39 4.08 16.20 13.35
CA ARG A 39 5.41 16.39 12.77
C ARG A 39 6.50 16.45 13.84
N ASP A 40 6.11 16.48 15.12
CA ASP A 40 7.04 16.52 16.24
C ASP A 40 7.90 15.27 16.27
N MET A 41 9.19 15.40 15.96
CA MET A 41 10.08 14.25 15.92
C MET A 41 10.29 13.65 17.30
N ALA A 42 10.37 14.48 18.34
CA ALA A 42 10.55 13.96 19.70
C ALA A 42 9.37 13.09 20.10
N GLN A 43 8.17 13.52 19.74
CA GLN A 43 6.97 12.71 20.01
C GLN A 43 6.97 11.44 19.15
N ILE A 44 7.29 11.58 17.86
CA ILE A 44 7.34 10.43 16.98
C ILE A 44 8.36 9.40 17.47
N ASN A 45 9.56 9.87 17.81
CA ASN A 45 10.60 8.95 18.28
C ASN A 45 10.18 8.25 19.56
N LYS A 46 9.54 8.98 20.47
CA LYS A 46 9.10 8.40 21.74
C LYS A 46 8.14 7.25 21.51
N VAL A 47 7.14 7.47 20.65
CA VAL A 47 6.16 6.43 20.36
C VAL A 47 6.80 5.26 19.62
N LEU A 48 7.59 5.55 18.59
CA LEU A 48 8.22 4.48 17.81
C LEU A 48 9.17 3.66 18.68
N SER A 49 9.85 4.30 19.64
CA SER A 49 10.72 3.58 20.54
C SER A 49 9.97 2.51 21.32
N LYS A 50 8.78 2.85 21.82
CA LYS A 50 7.98 1.87 22.55
C LYS A 50 7.50 0.75 21.62
N GLN A 51 7.22 1.09 20.36
CA GLN A 51 6.65 0.12 19.44
C GLN A 51 7.68 -0.89 18.95
N VAL A 52 8.95 -0.50 18.83
CA VAL A 52 9.98 -1.43 18.36
C VAL A 52 10.83 -2.01 19.50
N GLY A 53 10.80 -1.41 20.69
CA GLY A 53 11.51 -1.95 21.83
C GLY A 53 12.87 -1.37 22.11
N ARG A 54 13.28 -0.31 21.42
CA ARG A 54 14.57 0.32 21.71
C ARG A 54 14.53 1.80 21.33
N GLU A 55 15.45 2.55 21.93
CA GLU A 55 15.47 4.01 21.78
C GLU A 55 15.82 4.39 20.35
N ILE A 56 14.92 5.12 19.70
CA ILE A 56 15.15 5.68 18.37
C ILE A 56 15.56 7.13 18.53
N THR A 57 16.70 7.51 17.95
CA THR A 57 17.14 8.89 17.89
C THR A 57 17.37 9.29 16.44
N GLY A 58 17.36 10.60 16.20
CA GLY A 58 17.56 11.12 14.86
C GLY A 58 16.40 11.95 14.36
N ASN A 59 16.68 12.86 13.44
CA ASN A 59 15.66 13.73 12.83
C ASN A 59 15.79 13.65 11.32
N PRO A 60 15.22 12.61 10.69
CA PRO A 60 14.56 11.51 11.41
C PRO A 60 15.51 10.38 11.75
N GLY A 61 15.09 9.49 12.64
CA GLY A 61 15.85 8.29 12.93
C GLY A 61 15.42 7.14 12.04
N SER A 62 16.06 6.00 12.24
CA SER A 62 15.83 4.83 11.41
C SER A 62 15.53 3.62 12.27
N ILE A 63 14.87 2.64 11.65
CA ILE A 63 14.73 1.31 12.21
C ILE A 63 15.51 0.35 11.31
N THR A 64 15.72 -0.86 11.81
CA THR A 64 16.38 -1.88 11.02
C THR A 64 15.36 -2.63 10.17
N MET A 65 15.88 -3.40 9.20
CA MET A 65 15.01 -4.25 8.38
C MET A 65 14.28 -5.26 9.25
N GLU A 66 14.95 -5.78 10.28
CA GLU A 66 14.31 -6.74 11.16
C GLU A 66 13.19 -6.09 11.97
N GLU A 67 13.38 -4.83 12.37
CA GLU A 67 12.32 -4.11 13.09
C GLU A 67 11.14 -3.84 12.17
N ALA A 68 11.40 -3.47 10.91
CA ALA A 68 10.30 -3.28 9.96
C ALA A 68 9.50 -4.56 9.79
N THR A 69 10.17 -5.71 9.72
CA THR A 69 9.45 -6.98 9.58
C THR A 69 8.64 -7.29 10.83
N THR A 70 9.20 -7.02 12.01
CA THR A 70 8.46 -7.27 13.24
C THR A 70 7.22 -6.40 13.33
N LEU A 71 7.36 -5.11 13.03
CA LEU A 71 6.20 -4.21 13.01
C LEU A 71 5.13 -4.72 12.05
N PHE A 72 5.55 -5.14 10.84
CA PHE A 72 4.59 -5.62 9.86
C PHE A 72 3.86 -6.87 10.36
N GLU A 73 4.61 -7.83 10.91
CA GLU A 73 3.98 -9.06 11.38
C GLU A 73 2.95 -8.77 12.46
N ARG A 74 3.25 -7.84 13.38
CA ARG A 74 2.28 -7.47 14.40
C ARG A 74 1.08 -6.75 13.77
N ASP A 75 1.35 -5.81 12.84
CA ASP A 75 0.26 -5.11 12.16
C ASP A 75 -0.65 -6.08 11.42
N LEU A 76 -0.05 -7.05 10.73
CA LEU A 76 -0.83 -7.98 9.93
C LEU A 76 -1.71 -8.86 10.81
N ALA A 77 -1.19 -9.29 11.98
CA ALA A 77 -1.96 -10.14 12.87
C ALA A 77 -3.11 -9.36 13.51
N ASP A 78 -2.86 -8.12 13.94
CA ASP A 78 -3.92 -7.28 14.46
C ASP A 78 -5.05 -7.14 13.45
N MET A 79 -4.70 -6.87 12.19
CA MET A 79 -5.71 -6.72 11.15
C MET A 79 -6.46 -8.03 10.92
N GLN A 80 -5.71 -9.13 10.73
CA GLN A 80 -6.36 -10.42 10.50
C GLN A 80 -7.26 -10.81 11.66
N ARG A 81 -6.84 -10.52 12.88
CA ARG A 81 -7.68 -10.74 14.05
C ARG A 81 -8.98 -9.93 13.95
N ASP A 82 -8.85 -8.66 13.56
CA ASP A 82 -10.02 -7.78 13.55
C ASP A 82 -10.93 -8.04 12.35
N ILE A 83 -10.40 -8.58 11.25
CA ILE A 83 -11.24 -8.77 10.08
C ILE A 83 -12.17 -9.98 10.27
N LYS A 84 -11.71 -11.01 10.97
CA LYS A 84 -12.57 -12.17 11.22
C LYS A 84 -13.64 -11.83 12.25
N SER A 85 -13.30 -11.03 13.25
CA SER A 85 -14.22 -10.73 14.35
C SER A 85 -15.30 -9.73 13.97
N HIS A 86 -15.10 -8.96 12.89
CA HIS A 86 -16.06 -7.93 12.54
C HIS A 86 -17.40 -8.56 12.15
N SER A 87 -18.48 -7.96 12.65
CA SER A 87 -19.81 -8.55 12.48
C SER A 87 -20.30 -8.51 11.04
N LYS A 88 -19.79 -7.58 10.23
CA LYS A 88 -20.18 -7.49 8.84
C LYS A 88 -19.13 -8.06 7.88
N VAL A 89 -17.85 -7.71 8.09
CA VAL A 89 -16.81 -8.17 7.17
C VAL A 89 -16.46 -9.63 7.44
N GLY A 90 -16.52 -10.05 8.71
CA GLY A 90 -16.19 -11.40 9.11
C GLY A 90 -16.90 -12.49 8.32
N PRO A 91 -18.24 -12.45 8.29
CA PRO A 91 -18.98 -13.45 7.50
C PRO A 91 -18.56 -13.54 6.05
N VAL A 92 -18.25 -12.41 5.41
CA VAL A 92 -17.79 -12.46 4.01
C VAL A 92 -16.45 -13.14 3.92
N TRP A 93 -15.52 -12.75 4.80
CA TRP A 93 -14.18 -13.34 4.82
C TRP A 93 -14.24 -14.86 4.94
N GLN A 94 -15.11 -15.37 5.82
CA GLN A 94 -15.21 -16.83 6.01
C GLN A 94 -15.78 -17.54 4.80
N ALA A 95 -16.52 -16.83 3.94
CA ALA A 95 -17.26 -17.47 2.87
C ALA A 95 -16.57 -17.43 1.52
N VAL A 96 -15.42 -16.76 1.40
CA VAL A 96 -14.70 -16.63 0.15
C VAL A 96 -13.36 -17.35 0.25
N ASN A 97 -12.73 -17.57 -0.91
CA ASN A 97 -11.50 -18.35 -0.95
C ASN A 97 -10.31 -17.51 -0.48
N ARG A 98 -9.14 -18.15 -0.40
CA ARG A 98 -7.98 -17.49 0.19
C ARG A 98 -7.56 -16.25 -0.60
N SER A 99 -7.55 -16.34 -1.94
CA SER A 99 -7.21 -15.18 -2.75
C SER A 99 -8.10 -13.99 -2.41
N ARG A 100 -9.41 -14.23 -2.31
CA ARG A 100 -10.35 -13.15 -2.01
C ARG A 100 -10.24 -12.68 -0.57
N GLN A 101 -9.91 -13.59 0.37
CA GLN A 101 -9.57 -13.15 1.72
C GLN A 101 -8.37 -12.21 1.68
N MET A 102 -7.38 -12.53 0.85
CA MET A 102 -6.21 -11.66 0.73
C MET A 102 -6.58 -10.30 0.17
N ALA A 103 -7.59 -10.25 -0.71
CA ALA A 103 -8.03 -8.96 -1.24
C ALA A 103 -8.68 -8.11 -0.16
N LEU A 104 -9.49 -8.73 0.69
CA LEU A 104 -10.13 -7.99 1.78
C LEU A 104 -9.10 -7.58 2.83
N GLU A 105 -8.15 -8.47 3.13
CA GLU A 105 -7.08 -8.12 4.07
C GLU A 105 -6.22 -6.97 3.53
N ASN A 106 -5.97 -6.95 2.22
CA ASN A 106 -5.24 -5.83 1.63
C ASN A 106 -5.99 -4.53 1.84
N MET A 107 -7.29 -4.52 1.55
CA MET A 107 -8.10 -3.33 1.79
C MET A 107 -8.10 -2.93 3.25
N ALA A 108 -8.24 -3.91 4.15
CA ALA A 108 -8.27 -3.60 5.58
C ALA A 108 -6.94 -3.02 6.04
N PHE A 109 -5.83 -3.51 5.49
CA PHE A 109 -4.52 -2.95 5.83
C PHE A 109 -4.43 -1.50 5.39
N GLN A 110 -5.03 -1.15 4.24
CA GLN A 110 -4.95 0.21 3.73
C GLN A 110 -5.90 1.15 4.48
N MET A 111 -7.14 0.72 4.71
CA MET A 111 -8.19 1.61 5.17
C MET A 111 -8.82 1.22 6.50
N GLY A 112 -8.38 0.12 7.12
CA GLY A 112 -9.01 -0.36 8.33
C GLY A 112 -10.24 -1.21 8.04
N VAL A 113 -10.60 -2.05 9.01
CA VAL A 113 -11.77 -2.90 8.85
C VAL A 113 -13.03 -2.06 8.74
N GLY A 114 -13.11 -0.99 9.55
CA GLY A 114 -14.25 -0.08 9.46
C GLY A 114 -14.37 0.56 8.10
N GLY A 115 -13.25 0.82 7.44
CA GLY A 115 -13.31 1.32 6.07
C GLY A 115 -13.84 0.29 5.10
N VAL A 116 -13.41 -0.97 5.25
CA VAL A 116 -13.93 -2.04 4.41
C VAL A 116 -15.42 -2.23 4.65
N ALA A 117 -15.86 -2.06 5.89
CA ALA A 117 -17.28 -2.25 6.23
C ALA A 117 -18.18 -1.26 5.51
N LYS A 118 -17.63 -0.16 4.96
CA LYS A 118 -18.44 0.80 4.25
C LYS A 118 -18.85 0.31 2.86
N PHE A 119 -18.19 -0.73 2.32
CA PHE A 119 -18.50 -1.27 1.01
C PHE A 119 -19.64 -2.29 1.11
N ASN A 120 -20.82 -1.78 1.49
N ASN A 120 -20.82 -1.78 1.49
CA ASN A 120 -21.97 -2.66 1.74
CA ASN A 120 -21.97 -2.67 1.73
C ASN A 120 -22.38 -3.41 0.48
C ASN A 120 -22.36 -3.42 0.47
N THR A 121 -22.49 -2.71 -0.65
CA THR A 121 -22.88 -3.37 -1.89
C THR A 121 -21.83 -4.39 -2.34
N MET A 122 -20.55 -4.05 -2.22
CA MET A 122 -19.51 -4.99 -2.61
C MET A 122 -19.56 -6.24 -1.73
N LEU A 123 -19.63 -6.04 -0.41
CA LEU A 123 -19.61 -7.18 0.51
C LEU A 123 -20.86 -8.04 0.36
N THR A 124 -22.03 -7.42 0.23
CA THR A 124 -23.25 -8.19 -0.01
C THR A 124 -23.14 -9.01 -1.28
N ALA A 125 -22.52 -8.45 -2.32
CA ALA A 125 -22.39 -9.18 -3.59
C ALA A 125 -21.40 -10.34 -3.46
N MET A 126 -20.31 -10.13 -2.72
CA MET A 126 -19.34 -11.20 -2.53
C MET A 126 -19.95 -12.37 -1.77
N LEU A 127 -20.73 -12.08 -0.74
CA LEU A 127 -21.40 -13.16 0.00
C LEU A 127 -22.35 -13.92 -0.90
N ALA A 128 -22.97 -13.24 -1.86
CA ALA A 128 -23.89 -13.88 -2.80
C ALA A 128 -23.18 -14.57 -3.95
N GLY A 129 -21.85 -14.41 -4.08
CA GLY A 129 -21.12 -14.96 -5.20
C GLY A 129 -21.26 -14.20 -6.49
N ASP A 130 -21.80 -12.98 -6.45
CA ASP A 130 -21.99 -12.15 -7.64
C ASP A 130 -20.72 -11.32 -7.84
N TRP A 131 -19.71 -11.98 -8.42
CA TRP A 131 -18.39 -11.34 -8.50
C TRP A 131 -18.40 -10.14 -9.43
N GLU A 132 -19.21 -10.17 -10.49
CA GLU A 132 -19.28 -9.03 -11.39
C GLU A 132 -19.84 -7.81 -10.66
N LYS A 133 -20.91 -7.99 -9.90
CA LYS A 133 -21.48 -6.89 -9.13
C LYS A 133 -20.48 -6.40 -8.06
N ALA A 134 -19.76 -7.33 -7.42
CA ALA A 134 -18.75 -6.94 -6.45
C ALA A 134 -17.66 -6.10 -7.11
N TYR A 135 -17.11 -6.59 -8.23
CA TYR A 135 -16.11 -5.86 -9.00
C TYR A 135 -16.60 -4.46 -9.37
N LYS A 136 -17.84 -4.36 -9.88
CA LYS A 136 -18.36 -3.06 -10.28
C LYS A 136 -18.55 -2.14 -9.09
N ALA A 137 -18.96 -2.69 -7.94
CA ALA A 137 -19.12 -1.86 -6.75
C ALA A 137 -17.79 -1.33 -6.25
N GLY A 138 -16.75 -2.17 -6.25
CA GLY A 138 -15.45 -1.71 -5.81
C GLY A 138 -14.86 -0.65 -6.71
N ARG A 139 -15.07 -0.77 -8.02
CA ARG A 139 -14.51 0.21 -8.94
C ARG A 139 -15.39 1.45 -9.09
N ASP A 140 -16.62 1.41 -8.57
CA ASP A 140 -17.46 2.59 -8.53
C ASP A 140 -17.04 3.56 -7.42
N SER A 141 -16.25 3.09 -6.46
CA SER A 141 -15.99 3.83 -5.24
C SER A 141 -14.97 4.94 -5.44
N LEU A 142 -14.97 5.88 -4.48
CA LEU A 142 -13.95 6.92 -4.45
C LEU A 142 -12.57 6.34 -4.14
N TRP A 143 -12.52 5.25 -3.36
CA TRP A 143 -11.28 4.54 -3.12
C TRP A 143 -10.61 4.14 -4.44
N TYR A 144 -11.40 3.67 -5.42
CA TYR A 144 -10.86 3.34 -6.72
C TYR A 144 -10.33 4.57 -7.45
N GLN A 145 -11.00 5.73 -7.30
CA GLN A 145 -10.51 6.93 -7.97
C GLN A 145 -9.24 7.48 -7.33
N GLN A 146 -9.06 7.28 -6.02
CA GLN A 146 -7.93 7.88 -5.30
C GLN A 146 -6.68 7.02 -5.29
N THR A 147 -6.81 5.69 -5.27
CA THR A 147 -5.68 4.78 -5.36
C THR A 147 -6.01 3.75 -6.43
N LYS A 148 -5.97 4.20 -7.69
CA LYS A 148 -6.55 3.41 -8.78
C LYS A 148 -5.71 2.18 -9.09
N GLY A 149 -4.39 2.29 -9.08
CA GLY A 149 -3.55 1.14 -9.37
C GLY A 149 -3.79 0.00 -8.40
N ARG A 150 -3.70 0.29 -7.10
CA ARG A 150 -3.92 -0.72 -6.09
C ARG A 150 -5.35 -1.25 -6.11
N ALA A 151 -6.33 -0.35 -6.27
CA ALA A 151 -7.73 -0.80 -6.29
C ALA A 151 -8.02 -1.67 -7.51
N SER A 152 -7.37 -1.39 -8.64
CA SER A 152 -7.52 -2.24 -9.81
C SER A 152 -7.01 -3.65 -9.54
N ARG A 153 -5.84 -3.75 -8.92
CA ARG A 153 -5.28 -5.06 -8.57
C ARG A 153 -6.20 -5.81 -7.61
N VAL A 154 -6.72 -5.10 -6.60
CA VAL A 154 -7.50 -5.77 -5.56
C VAL A 154 -8.87 -6.19 -6.10
N THR A 155 -9.55 -5.30 -6.84
CA THR A 155 -10.86 -5.66 -7.36
C THR A 155 -10.76 -6.77 -8.40
N MET A 156 -9.62 -6.88 -9.08
CA MET A 156 -9.44 -7.97 -10.03
C MET A 156 -9.38 -9.32 -9.33
N ILE A 157 -8.78 -9.37 -8.14
CA ILE A 157 -8.84 -10.59 -7.34
C ILE A 157 -10.28 -10.93 -7.01
N ILE A 158 -11.05 -9.93 -6.58
CA ILE A 158 -12.45 -10.16 -6.20
C ILE A 158 -13.23 -10.69 -7.39
N LEU A 159 -12.97 -10.17 -8.59
CA LEU A 159 -13.68 -10.62 -9.78
C LEU A 159 -13.26 -12.05 -10.17
N THR A 160 -11.96 -12.31 -10.24
CA THR A 160 -11.46 -13.55 -10.83
C THR A 160 -11.26 -14.68 -9.83
N GLY A 161 -11.03 -14.37 -8.57
CA GLY A 161 -10.78 -15.41 -7.59
C GLY A 161 -9.35 -15.90 -7.50
N ASN A 162 -8.43 -15.33 -8.27
CA ASN A 162 -7.03 -15.72 -8.22
C ASN A 162 -6.16 -14.50 -7.97
N LEU A 163 -4.84 -14.71 -7.97
CA LEU A 163 -3.87 -13.67 -7.67
C LEU A 163 -3.07 -13.23 -8.88
N GLU A 164 -3.58 -13.48 -10.09
CA GLU A 164 -2.82 -13.15 -11.29
C GLU A 164 -2.56 -11.65 -11.40
N SER A 165 -3.45 -10.82 -10.86
CA SER A 165 -3.25 -9.37 -10.93
C SER A 165 -2.03 -8.93 -10.13
N TYR A 166 -1.51 -9.79 -9.25
CA TYR A 166 -0.24 -9.56 -8.59
C TYR A 166 0.90 -10.38 -9.19
N GLY A 167 0.72 -10.87 -10.42
CA GLY A 167 1.71 -11.72 -11.05
C GLY A 167 1.80 -13.12 -10.50
N VAL A 168 0.94 -13.49 -9.55
CA VAL A 168 0.94 -14.84 -9.00
C VAL A 168 -0.02 -15.73 -9.78
N GLY B 23 12.28 -3.12 -10.65
CA GLY B 23 13.70 -3.23 -10.91
C GLY B 23 14.50 -3.23 -9.62
N TYR B 24 15.77 -3.63 -9.70
CA TYR B 24 16.66 -3.60 -8.55
C TYR B 24 17.87 -2.73 -8.85
N ASP B 25 18.18 -1.83 -7.93
CA ASP B 25 19.42 -1.05 -7.94
C ASP B 25 19.86 -0.89 -6.50
N LYS B 26 21.01 -1.46 -6.16
CA LYS B 26 21.48 -1.46 -4.77
C LYS B 26 21.56 -0.05 -4.22
N ASP B 27 22.16 0.87 -4.99
CA ASP B 27 22.29 2.25 -4.53
C ASP B 27 20.93 2.88 -4.28
N LEU B 28 20.02 2.80 -5.24
CA LEU B 28 18.73 3.45 -5.10
C LEU B 28 17.83 2.74 -4.09
N CYS B 29 17.99 1.43 -3.92
N CYS B 29 17.98 1.43 -3.95
CA CYS B 29 17.14 0.69 -2.99
CA CYS B 29 17.19 0.65 -3.00
C CYS B 29 17.36 1.15 -1.55
C CYS B 29 17.37 1.17 -1.58
N GLU B 30 18.60 1.05 -1.06
CA GLU B 30 18.89 1.47 0.30
C GLU B 30 18.63 2.96 0.49
N TRP B 31 19.01 3.77 -0.50
CA TRP B 31 18.81 5.21 -0.39
C TRP B 31 17.32 5.56 -0.28
N SER B 32 16.48 4.94 -1.12
CA SER B 32 15.06 5.24 -1.07
C SER B 32 14.44 4.78 0.25
N MET B 33 15.04 3.77 0.90
CA MET B 33 14.51 3.33 2.20
C MET B 33 14.88 4.28 3.32
N THR B 34 15.97 5.05 3.17
CA THR B 34 16.55 5.77 4.29
C THR B 34 16.67 7.28 4.10
N ALA B 35 16.65 7.79 2.88
CA ALA B 35 16.85 9.22 2.68
C ALA B 35 15.58 10.00 3.02
N ASP B 36 15.74 11.33 3.13
CA ASP B 36 14.63 12.22 3.41
C ASP B 36 13.52 12.05 2.38
N GLN B 37 12.27 12.10 2.86
CA GLN B 37 11.11 11.77 2.02
C GLN B 37 11.03 12.64 0.77
N THR B 38 11.29 13.94 0.90
CA THR B 38 11.14 14.84 -0.25
C THR B 38 12.13 14.50 -1.36
N GLU B 39 13.39 14.20 -0.99
CA GLU B 39 14.38 13.80 -1.99
C GLU B 39 13.96 12.49 -2.67
N VAL B 40 13.49 11.52 -1.89
CA VAL B 40 13.12 10.23 -2.45
C VAL B 40 11.91 10.36 -3.37
N GLU B 41 10.90 11.15 -2.97
CA GLU B 41 9.71 11.27 -3.80
C GLU B 41 9.97 12.06 -5.07
N THR B 42 10.90 13.02 -5.02
CA THR B 42 11.34 13.70 -6.24
C THR B 42 11.92 12.69 -7.23
N GLN B 43 12.77 11.78 -6.75
CA GLN B 43 13.38 10.79 -7.61
C GLN B 43 12.35 9.79 -8.14
N ILE B 44 11.47 9.29 -7.28
CA ILE B 44 10.44 8.35 -7.70
C ILE B 44 9.55 8.97 -8.78
N GLU B 45 9.02 10.16 -8.50
CA GLU B 45 8.15 10.82 -9.46
C GLU B 45 8.87 11.04 -10.79
N ALA B 46 10.15 11.41 -10.73
CA ALA B 46 10.91 11.65 -11.96
C ALA B 46 11.06 10.37 -12.79
N ASP B 47 11.37 9.25 -12.13
CA ASP B 47 11.47 7.98 -12.83
C ASP B 47 10.13 7.59 -13.44
N ILE B 48 9.05 7.73 -12.69
CA ILE B 48 7.73 7.37 -13.20
C ILE B 48 7.36 8.24 -14.39
N MET B 49 7.51 9.57 -14.25
CA MET B 49 7.11 10.47 -15.32
C MET B 49 7.98 10.27 -16.57
N ASN B 50 9.26 9.94 -16.40
CA ASN B 50 10.10 9.66 -17.55
C ASN B 50 9.65 8.41 -18.29
N ILE B 51 9.15 7.41 -17.55
CA ILE B 51 8.65 6.20 -18.20
C ILE B 51 7.31 6.48 -18.88
N VAL B 52 6.47 7.34 -18.28
CA VAL B 52 5.22 7.72 -18.90
C VAL B 52 5.48 8.42 -20.24
N LYS B 53 6.39 9.41 -20.23
N LYS B 53 6.40 9.39 -20.23
CA LYS B 53 6.71 10.16 -21.44
CA LYS B 53 6.68 10.14 -21.45
C LYS B 53 7.27 9.24 -22.52
C LYS B 53 7.29 9.25 -22.52
N ARG B 54 8.09 8.27 -22.11
CA ARG B 54 8.72 7.37 -23.08
C ARG B 54 7.69 6.43 -23.71
N ASP B 55 6.81 5.85 -22.91
CA ASP B 55 5.96 4.74 -23.34
C ASP B 55 4.51 5.11 -23.56
N ARG B 56 3.91 5.92 -22.70
CA ARG B 56 2.48 6.22 -22.75
C ARG B 56 2.24 7.68 -22.41
N PRO B 57 2.69 8.60 -23.27
CA PRO B 57 2.62 10.03 -22.91
C PRO B 57 1.20 10.51 -22.59
N GLU B 58 0.17 9.89 -23.17
CA GLU B 58 -1.20 10.33 -22.90
C GLU B 58 -1.63 10.03 -21.47
N MET B 59 -0.92 9.17 -20.75
CA MET B 59 -1.27 8.85 -19.36
C MET B 59 -0.70 9.85 -18.36
N LYS B 60 -0.06 10.92 -18.82
CA LYS B 60 0.60 11.86 -17.93
C LYS B 60 -0.37 12.45 -16.92
N ALA B 61 -1.50 12.99 -17.40
CA ALA B 61 -2.44 13.65 -16.51
C ALA B 61 -3.01 12.68 -15.47
N GLU B 62 -3.30 11.45 -15.89
CA GLU B 62 -3.84 10.45 -14.96
C GLU B 62 -2.80 10.05 -13.93
N VAL B 63 -1.55 9.85 -14.36
CA VAL B 63 -0.48 9.49 -13.43
C VAL B 63 -0.29 10.59 -12.39
N GLN B 64 -0.24 11.84 -12.85
CA GLN B 64 -0.07 12.96 -11.93
C GLN B 64 -1.21 13.02 -10.92
N LYS B 65 -2.44 12.84 -11.39
CA LYS B 65 -3.59 12.82 -10.49
C LYS B 65 -3.46 11.70 -9.46
N GLN B 66 -3.06 10.51 -9.90
CA GLN B 66 -2.95 9.37 -8.99
C GLN B 66 -1.82 9.56 -7.97
N LEU B 67 -0.71 10.16 -8.39
CA LEU B 67 0.38 10.40 -7.45
C LEU B 67 -0.04 11.40 -6.37
N LYS B 68 -0.86 12.39 -6.74
CA LYS B 68 -1.30 13.38 -5.75
C LYS B 68 -2.34 12.79 -4.80
N SER B 69 -3.31 12.05 -5.33
CA SER B 69 -4.35 11.50 -4.46
C SER B 69 -3.90 10.24 -3.74
N GLY B 70 -3.01 9.44 -4.34
CA GLY B 70 -2.64 8.17 -3.76
C GLY B 70 -1.27 8.07 -3.14
N GLY B 71 -0.42 9.08 -3.36
CA GLY B 71 0.93 9.07 -2.81
C GLY B 71 1.94 8.55 -3.81
N VAL B 72 3.21 8.76 -3.48
CA VAL B 72 4.29 8.29 -4.34
C VAL B 72 5.33 7.43 -3.62
N MET B 73 5.45 7.51 -2.29
CA MET B 73 6.52 6.78 -1.61
C MET B 73 6.39 5.27 -1.77
N GLN B 74 5.15 4.77 -1.89
CA GLN B 74 4.93 3.33 -1.84
C GLN B 74 5.58 2.58 -3.00
N TYR B 75 5.94 3.28 -4.08
CA TYR B 75 6.49 2.62 -5.25
C TYR B 75 7.99 2.38 -5.14
N ASN B 76 8.62 2.73 -4.02
CA ASN B 76 10.06 2.60 -3.93
C ASN B 76 10.48 1.13 -4.03
N TYR B 77 9.69 0.22 -3.48
CA TYR B 77 10.10 -1.18 -3.47
C TYR B 77 10.09 -1.78 -4.88
N VAL B 78 8.98 -1.60 -5.61
CA VAL B 78 8.90 -2.20 -6.95
C VAL B 78 9.92 -1.57 -7.88
N LEU B 79 10.18 -0.26 -7.73
CA LEU B 79 11.04 0.44 -8.68
C LEU B 79 12.52 0.13 -8.45
N TYR B 80 12.94 -0.03 -7.20
CA TYR B 80 14.35 -0.05 -6.86
C TYR B 80 14.80 -1.29 -6.09
N CYS B 81 13.90 -2.06 -5.49
N CYS B 81 13.88 -2.05 -5.52
CA CYS B 81 14.29 -3.15 -4.63
CA CYS B 81 14.20 -3.13 -4.60
C CYS B 81 13.75 -4.50 -5.09
C CYS B 81 13.81 -4.50 -5.11
N ASP B 82 13.16 -4.58 -6.28
CA ASP B 82 12.52 -5.80 -6.75
C ASP B 82 13.06 -6.15 -8.13
N LYS B 83 13.98 -7.13 -8.18
CA LYS B 83 14.55 -7.56 -9.46
C LYS B 83 13.50 -8.18 -10.38
N ASN B 84 12.40 -8.69 -9.83
CA ASN B 84 11.36 -9.36 -10.61
C ASN B 84 10.29 -8.41 -11.14
N PHE B 85 10.32 -7.13 -10.77
CA PHE B 85 9.39 -6.15 -11.30
C PHE B 85 10.04 -5.41 -12.45
N ASN B 86 9.37 -5.40 -13.60
CA ASN B 86 9.84 -4.66 -14.76
C ASN B 86 9.26 -3.24 -14.69
N ASN B 87 10.15 -2.25 -14.59
CA ASN B 87 9.70 -0.89 -14.34
C ASN B 87 8.85 -0.30 -15.48
N LYS B 88 8.88 -0.89 -16.67
CA LYS B 88 7.95 -0.48 -17.71
C LYS B 88 6.50 -0.60 -17.24
N ASN B 89 6.23 -1.53 -16.32
CA ASN B 89 4.91 -1.79 -15.78
C ASN B 89 4.54 -0.82 -14.65
N ILE B 90 5.35 0.21 -14.40
CA ILE B 90 5.03 1.13 -13.31
C ILE B 90 3.81 1.97 -13.65
N ILE B 91 3.54 2.21 -14.94
CA ILE B 91 2.37 2.98 -15.32
C ILE B 91 1.10 2.27 -14.87
N ALA B 92 0.99 0.98 -15.21
CA ALA B 92 -0.16 0.20 -14.76
C ALA B 92 -0.17 0.02 -13.24
N GLU B 93 1.00 0.07 -12.60
CA GLU B 93 1.03 -0.01 -11.14
C GLU B 93 0.37 1.21 -10.50
N VAL B 94 0.48 2.37 -11.15
CA VAL B 94 -0.07 3.61 -10.60
C VAL B 94 -1.55 3.77 -10.98
N VAL B 95 -1.92 3.50 -12.22
CA VAL B 95 -3.25 3.85 -12.73
C VAL B 95 -4.11 2.63 -13.01
N GLY B 96 -3.59 1.42 -12.89
CA GLY B 96 -4.35 0.22 -13.15
C GLY B 96 -4.12 -0.30 -14.56
N GLU B 97 -4.66 -1.49 -14.82
CA GLU B 97 -4.34 -2.21 -16.05
C GLU B 97 -4.69 -1.38 -17.27
N LEU B 98 -3.82 -1.43 -18.28
CA LEU B 98 -3.97 -0.63 -19.49
C LEU B 98 -4.57 -1.45 -20.62
C1 EDO C . -9.96 -18.66 -10.43
O1 EDO C . -11.09 -19.26 -9.80
C2 EDO C . -9.53 -19.50 -11.64
O2 EDO C . -8.28 -19.00 -12.13
C1 IPA D . -4.30 6.44 5.17
C2 IPA D . -4.22 6.54 6.69
C3 IPA D . -5.44 5.88 7.31
O2 IPA D . -4.18 7.89 7.07
C1 IPA E . -17.27 3.60 0.33
C2 IPA E . -18.46 3.02 -0.42
C3 IPA E . -18.38 3.39 -1.89
O2 IPA E . -19.66 3.53 0.11
C1 IPA F . 2.36 11.02 0.84
C2 IPA F . 3.57 10.69 -0.02
C3 IPA F . 3.48 11.46 -1.33
O2 IPA F . 3.67 9.31 -0.27
C1 EDO G . 12.94 -7.78 -16.13
O1 EDO G . 12.06 -8.41 -15.19
C2 EDO G . 13.13 -6.32 -15.75
O2 EDO G . 13.59 -6.23 -14.40
#